data_8JPF
#
_entry.id   8JPF
#
loop_
_entity.id
_entity.type
_entity.pdbx_description
1 polymer NTS
2 polymer 'Neurotensin receptor type 1'
3 non-polymer 2-[{2-(1-fluorocyclopropyl)-4-[4-(2-methoxyphenyl)piperidin-1-yl]quinazolin-6-yl}(methyl)amino]ethan-1-ol
#
loop_
_entity_poly.entity_id
_entity_poly.type
_entity_poly.pdbx_seq_one_letter_code
_entity_poly.pdbx_strand_id
1 'polypeptide(L)' RRPYIL L
2 'polypeptide(L)'
;MRLNSSAPGTPGTPAADPFQRAQAGLEEALLAPGFGNASGNASERVLAAPSSELDVNTDIYSKVLVTAVYLALFVVGTVG
NTVTAFTLARKKSLQSLQSTVHYHLGSLALSDLLTLLLAMPVELYNFIWVHHPWAFGDAGCRGYYFLRDACTYATALNVA
SLSVERYLAICHPFKAKTLMSRSRTKKFISAIWLASALLAVPMLFTMGEQNRSADGQHAGGLVCTPTIHTATVKVVIQVN
TFMSFIFPMVVISVLNTIIANKLTVMVRQAAEQGQVCTVGGEHSTFSMAIEPGRVQALRHGVRVLRAVVIAFVVCWLPYH
VRRLMFCYISDEQWTPFLYDFYHYFYMVTNALFYVSSTINPILYNLVSANFRHIFLATLACLCPVWRRRRKRPAFSRKAD
SVSSNHTLSSNATRETLY
;
R
#
loop_
_chem_comp.id
_chem_comp.type
_chem_comp.name
_chem_comp.formula
SRW non-polymer 2-[{2-(1-fluorocyclopropyl)-4-[4-(2-methoxyphenyl)piperidin-1-yl]quinazolin-6-yl}(methyl)amino]ethan-1-ol 'C26 H31 F N4 O2'
#
# COMPACT_ATOMS: atom_id res chain seq x y z
N ARG A 1 23.03 -14.60 11.92
CA ARG A 1 21.81 -14.68 11.07
C ARG A 1 21.51 -13.32 10.42
N ARG A 2 21.01 -13.36 9.19
CA ARG A 2 20.53 -12.18 8.51
C ARG A 2 19.14 -12.48 7.96
N PRO A 3 18.11 -11.72 8.34
CA PRO A 3 16.76 -12.02 7.85
C PRO A 3 16.71 -11.98 6.33
N TYR A 4 15.89 -12.87 5.78
CA TYR A 4 15.76 -13.02 4.33
C TYR A 4 14.40 -12.63 3.80
N ILE A 5 13.38 -12.55 4.65
CA ILE A 5 12.05 -12.15 4.21
C ILE A 5 12.02 -10.63 4.06
N LEU A 6 11.81 -10.15 2.84
CA LEU A 6 11.77 -8.73 2.58
C LEU A 6 10.38 -8.18 2.90
N SER B 51 20.98 -26.67 10.16
CA SER B 51 19.66 -27.05 9.57
C SER B 51 18.57 -26.09 10.03
N SER B 52 18.60 -25.73 11.31
CA SER B 52 17.60 -24.84 11.90
C SER B 52 18.02 -23.38 11.88
N GLU B 53 19.16 -23.05 11.27
CA GLU B 53 19.59 -21.65 11.21
C GLU B 53 18.71 -20.81 10.30
N LEU B 54 17.83 -21.43 9.52
CA LEU B 54 17.02 -20.74 8.52
C LEU B 54 15.59 -20.49 8.98
N ASP B 55 15.28 -20.75 10.25
CA ASP B 55 13.90 -20.69 10.72
C ASP B 55 13.63 -19.38 11.47
N VAL B 56 12.35 -19.11 11.68
CA VAL B 56 11.88 -17.95 12.41
C VAL B 56 11.09 -18.43 13.61
N ASN B 57 11.24 -17.76 14.75
CA ASN B 57 10.74 -18.25 16.02
C ASN B 57 9.62 -17.38 16.60
N THR B 58 8.81 -16.75 15.75
CA THR B 58 7.64 -16.05 16.25
C THR B 58 6.60 -17.05 16.76
N ASP B 59 5.84 -16.63 17.77
CA ASP B 59 4.94 -17.54 18.47
C ASP B 59 3.77 -17.96 17.58
N ILE B 60 3.26 -19.17 17.85
CA ILE B 60 2.10 -19.66 17.10
C ILE B 60 0.86 -18.85 17.44
N TYR B 61 0.74 -18.41 18.70
CA TYR B 61 -0.37 -17.55 19.08
C TYR B 61 -0.34 -16.25 18.26
N SER B 62 0.86 -15.70 18.07
CA SER B 62 0.99 -14.52 17.21
C SER B 62 0.54 -14.83 15.79
N LYS B 63 0.91 -16.01 15.29
CA LYS B 63 0.47 -16.42 13.96
C LYS B 63 -1.06 -16.40 13.86
N VAL B 64 -1.73 -17.03 14.82
CA VAL B 64 -3.18 -17.10 14.77
C VAL B 64 -3.80 -15.71 14.89
N LEU B 65 -3.26 -14.88 15.79
CA LEU B 65 -3.82 -13.54 15.97
C LEU B 65 -3.68 -12.70 14.70
N VAL B 66 -2.49 -12.69 14.11
CA VAL B 66 -2.29 -11.91 12.89
C VAL B 66 -3.07 -12.51 11.74
N THR B 67 -3.28 -13.82 11.73
CA THR B 67 -4.13 -14.43 10.72
C THR B 67 -5.56 -13.94 10.87
N ALA B 68 -6.05 -13.83 12.10
CA ALA B 68 -7.39 -13.31 12.34
C ALA B 68 -7.50 -11.86 11.85
N VAL B 69 -6.50 -11.04 12.18
CA VAL B 69 -6.52 -9.64 11.74
C VAL B 69 -6.52 -9.57 10.22
N TYR B 70 -5.67 -10.38 9.57
CA TYR B 70 -5.60 -10.37 8.12
C TYR B 70 -6.92 -10.82 7.51
N LEU B 71 -7.54 -11.86 8.07
CA LEU B 71 -8.81 -12.34 7.54
C LEU B 71 -9.90 -11.28 7.68
N ALA B 72 -9.94 -10.61 8.83
CA ALA B 72 -10.92 -9.53 9.02
C ALA B 72 -10.72 -8.43 8.00
N LEU B 73 -9.45 -8.01 7.82
CA LEU B 73 -9.18 -6.95 6.86
C LEU B 73 -9.54 -7.39 5.44
N PHE B 74 -9.28 -8.64 5.10
CA PHE B 74 -9.60 -9.15 3.77
C PHE B 74 -11.10 -9.13 3.53
N VAL B 75 -11.88 -9.67 4.48
CA VAL B 75 -13.32 -9.73 4.29
C VAL B 75 -13.91 -8.34 4.22
N VAL B 76 -13.41 -7.41 5.04
CA VAL B 76 -13.93 -6.04 4.98
C VAL B 76 -13.58 -5.41 3.63
N GLY B 77 -12.30 -5.43 3.27
CA GLY B 77 -11.81 -4.72 2.10
C GLY B 77 -12.30 -5.25 0.78
N THR B 78 -12.35 -6.56 0.61
CA THR B 78 -12.82 -7.11 -0.67
C THR B 78 -14.21 -6.57 -1.01
N VAL B 79 -15.15 -6.71 -0.07
CA VAL B 79 -16.50 -6.21 -0.29
C VAL B 79 -16.48 -4.69 -0.43
N GLY B 80 -15.73 -4.01 0.44
CA GLY B 80 -15.75 -2.56 0.44
C GLY B 80 -15.35 -1.99 -0.90
N ASN B 81 -14.28 -2.52 -1.47
CA ASN B 81 -13.80 -2.05 -2.77
C ASN B 81 -14.68 -2.53 -3.90
N THR B 82 -15.14 -3.79 -3.85
CA THR B 82 -15.93 -4.33 -4.95
C THR B 82 -17.24 -3.57 -5.12
N VAL B 83 -17.96 -3.30 -4.03
CA VAL B 83 -19.24 -2.64 -4.14
C VAL B 83 -19.06 -1.21 -4.66
N THR B 84 -18.02 -0.51 -4.19
CA THR B 84 -17.79 0.85 -4.66
C THR B 84 -17.33 0.88 -6.12
N ALA B 85 -16.55 -0.11 -6.54
CA ALA B 85 -16.18 -0.19 -7.95
C ALA B 85 -17.41 -0.43 -8.82
N PHE B 86 -18.32 -1.28 -8.36
CA PHE B 86 -19.58 -1.47 -9.07
C PHE B 86 -20.38 -0.17 -9.11
N THR B 87 -20.40 0.57 -7.99
CA THR B 87 -21.15 1.83 -7.96
C THR B 87 -20.58 2.83 -8.96
N LEU B 88 -19.26 2.92 -9.06
CA LEU B 88 -18.61 3.84 -9.98
C LEU B 88 -18.99 5.29 -9.66
N THR B 100 -14.69 14.41 -12.92
CA THR B 100 -14.06 13.15 -13.33
C THR B 100 -13.38 12.47 -12.15
N VAL B 101 -13.81 12.83 -10.93
CA VAL B 101 -13.24 12.23 -9.74
C VAL B 101 -13.68 10.78 -9.59
N HIS B 102 -14.80 10.42 -10.21
CA HIS B 102 -15.31 9.05 -10.08
C HIS B 102 -14.32 8.04 -10.66
N TYR B 103 -13.71 8.36 -11.79
CA TYR B 103 -12.75 7.44 -12.39
C TYR B 103 -11.55 7.23 -11.48
N HIS B 104 -11.03 8.30 -10.88
CA HIS B 104 -9.91 8.15 -9.95
C HIS B 104 -10.31 7.34 -8.73
N LEU B 105 -11.50 7.59 -8.19
CA LEU B 105 -11.94 6.82 -7.03
C LEU B 105 -12.04 5.34 -7.38
N GLY B 106 -12.60 5.03 -8.55
CA GLY B 106 -12.72 3.63 -8.96
C GLY B 106 -11.36 2.99 -9.17
N SER B 107 -10.42 3.72 -9.77
CA SER B 107 -9.08 3.17 -9.97
C SER B 107 -8.41 2.88 -8.64
N LEU B 108 -8.55 3.79 -7.68
CA LEU B 108 -7.96 3.55 -6.36
C LEU B 108 -8.60 2.34 -5.69
N ALA B 109 -9.92 2.21 -5.80
CA ALA B 109 -10.59 1.04 -5.22
C ALA B 109 -10.10 -0.24 -5.87
N LEU B 110 -9.95 -0.23 -7.19
CA LEU B 110 -9.47 -1.42 -7.89
C LEU B 110 -8.06 -1.78 -7.46
N SER B 111 -7.19 -0.78 -7.31
CA SER B 111 -5.83 -1.05 -6.87
C SER B 111 -5.82 -1.64 -5.46
N ASP B 112 -6.64 -1.09 -4.56
CA ASP B 112 -6.70 -1.63 -3.20
C ASP B 112 -7.21 -3.07 -3.22
N LEU B 113 -8.23 -3.34 -4.03
CA LEU B 113 -8.77 -4.70 -4.11
C LEU B 113 -7.72 -5.67 -4.64
N LEU B 114 -6.99 -5.27 -5.67
CA LEU B 114 -5.94 -6.13 -6.21
C LEU B 114 -4.86 -6.38 -5.17
N THR B 115 -4.46 -5.34 -4.45
CA THR B 115 -3.48 -5.53 -3.37
C THR B 115 -3.97 -6.57 -2.39
N LEU B 116 -5.19 -6.41 -1.89
CA LEU B 116 -5.70 -7.32 -0.87
C LEU B 116 -5.87 -8.74 -1.42
N LEU B 117 -6.22 -8.89 -2.69
CA LEU B 117 -6.41 -10.22 -3.26
C LEU B 117 -5.08 -10.92 -3.50
N LEU B 118 -4.06 -10.17 -3.91
CA LEU B 118 -2.81 -10.80 -4.36
C LEU B 118 -1.81 -10.95 -3.22
N ALA B 119 -1.52 -9.87 -2.50
CA ALA B 119 -0.48 -9.93 -1.49
C ALA B 119 -0.90 -10.74 -0.27
N MET B 120 -2.16 -10.61 0.16
CA MET B 120 -2.59 -11.19 1.42
C MET B 120 -2.43 -12.70 1.51
N PRO B 121 -2.92 -13.50 0.56
CA PRO B 121 -2.92 -14.96 0.77
C PRO B 121 -1.54 -15.58 0.82
N VAL B 122 -0.72 -15.30 -0.20
CA VAL B 122 0.62 -15.89 -0.25
C VAL B 122 1.46 -15.40 0.93
N GLU B 123 1.38 -14.11 1.23
CA GLU B 123 2.14 -13.56 2.35
C GLU B 123 1.74 -14.25 3.65
N LEU B 124 0.43 -14.39 3.89
CA LEU B 124 -0.03 -15.02 5.12
C LEU B 124 0.41 -16.48 5.17
N TYR B 125 0.38 -17.17 4.03
CA TYR B 125 0.75 -18.58 4.02
C TYR B 125 2.24 -18.76 4.32
N ASN B 126 3.10 -18.19 3.48
CA ASN B 126 4.54 -18.45 3.55
C ASN B 126 5.32 -17.36 4.28
N PHE B 127 4.99 -16.09 4.07
CA PHE B 127 5.79 -14.99 4.63
C PHE B 127 5.38 -14.72 6.08
N ILE B 128 4.11 -14.37 6.29
CA ILE B 128 3.61 -14.05 7.63
C ILE B 128 3.14 -15.33 8.30
N TRP B 129 4.07 -16.05 8.92
CA TRP B 129 3.76 -17.29 9.62
C TRP B 129 4.98 -17.66 10.45
N VAL B 130 4.97 -18.89 10.99
CA VAL B 130 6.12 -19.40 11.71
C VAL B 130 7.05 -20.22 10.82
N HIS B 131 6.64 -20.52 9.59
CA HIS B 131 7.40 -21.40 8.72
C HIS B 131 8.28 -20.58 7.76
N HIS B 132 9.52 -21.05 7.58
CA HIS B 132 10.48 -20.43 6.67
C HIS B 132 10.34 -20.89 5.23
N PRO B 133 10.19 -22.20 4.95
CA PRO B 133 10.44 -22.70 3.59
C PRO B 133 9.43 -22.15 2.59
N TRP B 134 9.93 -21.75 1.42
CA TRP B 134 9.10 -21.19 0.37
C TRP B 134 8.63 -22.29 -0.57
N ALA B 135 7.45 -22.09 -1.17
CA ALA B 135 6.82 -23.12 -1.98
C ALA B 135 6.17 -22.60 -3.26
N PHE B 136 6.57 -21.43 -3.75
CA PHE B 136 6.01 -20.88 -4.97
C PHE B 136 6.90 -21.07 -6.18
N GLY B 137 8.03 -21.77 -6.05
CA GLY B 137 8.91 -21.99 -7.17
C GLY B 137 9.62 -20.72 -7.60
N ASP B 138 10.78 -20.88 -8.26
CA ASP B 138 11.61 -19.73 -8.62
C ASP B 138 10.80 -18.66 -9.34
N ALA B 139 9.94 -19.07 -10.28
CA ALA B 139 9.10 -18.10 -10.98
C ALA B 139 8.16 -17.39 -10.02
N GLY B 140 7.56 -18.14 -9.08
CA GLY B 140 6.65 -17.54 -8.13
C GLY B 140 7.32 -16.55 -7.20
N CYS B 141 8.56 -16.84 -6.78
CA CYS B 141 9.31 -15.90 -5.95
C CYS B 141 9.32 -14.52 -6.58
N ARG B 142 9.59 -14.46 -7.88
CA ARG B 142 9.66 -13.19 -8.57
C ARG B 142 8.27 -12.63 -8.85
N GLY B 143 7.33 -13.50 -9.20
CA GLY B 143 6.00 -13.04 -9.56
C GLY B 143 5.27 -12.38 -8.40
N TYR B 144 5.32 -13.01 -7.22
CA TYR B 144 4.66 -12.45 -6.06
C TYR B 144 5.14 -11.03 -5.79
N TYR B 145 6.46 -10.85 -5.74
CA TYR B 145 7.01 -9.53 -5.45
C TYR B 145 6.71 -8.55 -6.57
N PHE B 146 6.71 -8.99 -7.83
CA PHE B 146 6.39 -8.08 -8.91
C PHE B 146 4.96 -7.57 -8.78
N LEU B 147 4.01 -8.47 -8.52
CA LEU B 147 2.63 -8.03 -8.33
C LEU B 147 2.50 -7.13 -7.12
N ARG B 148 3.16 -7.46 -6.02
CA ARG B 148 3.07 -6.63 -4.82
C ARG B 148 3.59 -5.22 -5.08
N ASP B 149 4.75 -5.11 -5.74
CA ASP B 149 5.29 -3.80 -6.06
C ASP B 149 4.39 -3.04 -7.01
N ALA B 150 3.87 -3.71 -8.03
CA ALA B 150 2.98 -3.05 -8.97
C ALA B 150 1.76 -2.49 -8.25
N CYS B 151 1.17 -3.29 -7.36
CA CYS B 151 -0.01 -2.84 -6.62
C CYS B 151 0.33 -1.68 -5.70
N THR B 152 1.49 -1.73 -5.03
CA THR B 152 1.88 -0.64 -4.14
C THR B 152 2.04 0.67 -4.91
N TYR B 153 2.79 0.64 -6.01
CA TYR B 153 2.93 1.84 -6.82
C TYR B 153 1.57 2.30 -7.34
N ALA B 154 0.72 1.37 -7.75
CA ALA B 154 -0.60 1.75 -8.27
C ALA B 154 -1.40 2.48 -7.21
N THR B 155 -1.40 1.96 -5.97
CA THR B 155 -2.15 2.60 -4.89
C THR B 155 -1.61 3.99 -4.61
N ALA B 156 -0.29 4.12 -4.50
CA ALA B 156 0.28 5.43 -4.19
C ALA B 156 -0.03 6.44 -5.29
N LEU B 157 0.14 6.03 -6.55
CA LEU B 157 -0.09 6.95 -7.65
C LEU B 157 -1.57 7.28 -7.78
N ASN B 158 -2.45 6.32 -7.51
CA ASN B 158 -3.88 6.61 -7.54
C ASN B 158 -4.25 7.63 -6.47
N VAL B 159 -3.70 7.49 -5.27
CA VAL B 159 -4.00 8.47 -4.22
C VAL B 159 -3.49 9.86 -4.64
N ALA B 160 -2.26 9.93 -5.16
CA ALA B 160 -1.72 11.22 -5.56
C ALA B 160 -2.56 11.84 -6.68
N SER B 161 -2.94 11.03 -7.67
CA SER B 161 -3.72 11.54 -8.79
C SER B 161 -5.11 11.98 -8.34
N LEU B 162 -5.72 11.25 -7.41
CA LEU B 162 -7.01 11.66 -6.88
C LEU B 162 -6.90 12.99 -6.14
N SER B 163 -5.83 13.16 -5.37
CA SER B 163 -5.62 14.45 -4.71
C SER B 163 -5.46 15.56 -5.73
N VAL B 164 -4.69 15.31 -6.79
CA VAL B 164 -4.50 16.33 -7.83
C VAL B 164 -5.82 16.67 -8.51
N GLU B 165 -6.61 15.64 -8.82
CA GLU B 165 -7.89 15.86 -9.50
C GLU B 165 -8.83 16.68 -8.64
N ARG B 166 -8.86 16.43 -7.35
CA ARG B 166 -9.72 17.15 -6.44
C ARG B 166 -9.21 18.55 -6.30
N TYR B 167 -7.91 18.75 -6.27
CA TYR B 167 -7.35 20.10 -6.28
C TYR B 167 -7.82 20.87 -7.49
N LEU B 168 -7.69 20.28 -8.68
CA LEU B 168 -8.09 20.98 -9.90
C LEU B 168 -9.58 21.29 -9.87
N ALA B 169 -10.41 20.32 -9.47
CA ALA B 169 -11.85 20.54 -9.48
C ALA B 169 -12.26 21.64 -8.51
N ILE B 170 -11.70 21.65 -7.31
CA ILE B 170 -12.12 22.62 -6.30
C ILE B 170 -11.58 24.01 -6.63
N CYS B 171 -10.30 24.09 -7.00
CA CYS B 171 -9.66 25.39 -7.18
C CYS B 171 -9.82 25.95 -8.59
N HIS B 172 -9.71 25.11 -9.62
CA HIS B 172 -9.74 25.55 -11.01
C HIS B 172 -10.72 24.69 -11.79
N PRO B 173 -12.02 24.95 -11.65
CA PRO B 173 -13.01 24.02 -12.23
C PRO B 173 -12.98 23.96 -13.74
N PHE B 174 -13.03 25.11 -14.43
CA PHE B 174 -13.22 25.09 -15.88
C PHE B 174 -12.07 24.40 -16.59
N LYS B 175 -10.83 24.83 -16.32
CA LYS B 175 -9.69 24.22 -16.97
C LYS B 175 -9.49 22.78 -16.52
N ALA B 176 -10.00 22.42 -15.35
CA ALA B 176 -9.93 21.03 -14.91
C ALA B 176 -10.68 20.12 -15.86
N LYS B 177 -11.92 20.51 -16.23
CA LYS B 177 -12.67 19.75 -17.22
C LYS B 177 -12.08 19.91 -18.61
N THR B 178 -11.50 21.08 -18.89
CA THR B 178 -10.91 21.31 -20.21
C THR B 178 -9.75 20.35 -20.46
N LEU B 179 -8.91 20.12 -19.45
CA LEU B 179 -7.71 19.32 -19.65
C LEU B 179 -7.87 17.90 -19.13
N MET B 180 -8.95 17.61 -18.41
CA MET B 180 -9.15 16.31 -17.78
C MET B 180 -10.51 15.73 -18.20
N SER B 181 -10.78 15.73 -19.50
CA SER B 181 -12.02 15.17 -20.00
C SER B 181 -12.13 13.70 -19.62
N ARG B 182 -13.34 13.14 -19.81
CA ARG B 182 -13.59 11.76 -19.40
C ARG B 182 -12.66 10.80 -20.12
N SER B 183 -12.53 10.94 -21.44
CA SER B 183 -11.57 10.12 -22.18
C SER B 183 -10.15 10.41 -21.71
N ARG B 184 -9.84 11.68 -21.47
CA ARG B 184 -8.52 12.03 -20.94
C ARG B 184 -8.31 11.40 -19.58
N THR B 185 -9.34 11.41 -18.73
CA THR B 185 -9.22 10.78 -17.42
C THR B 185 -8.96 9.28 -17.53
N LYS B 186 -9.70 8.61 -18.42
CA LYS B 186 -9.48 7.17 -18.59
C LYS B 186 -8.07 6.89 -19.09
N LYS B 187 -7.60 7.68 -20.06
CA LYS B 187 -6.24 7.50 -20.55
C LYS B 187 -5.22 7.75 -19.44
N PHE B 188 -5.47 8.76 -18.60
CA PHE B 188 -4.55 9.09 -17.53
C PHE B 188 -4.45 7.97 -16.50
N ILE B 189 -5.59 7.40 -16.13
CA ILE B 189 -5.56 6.31 -15.14
C ILE B 189 -4.91 5.06 -15.74
N SER B 190 -5.18 4.79 -17.02
CA SER B 190 -4.51 3.67 -17.67
C SER B 190 -3.01 3.88 -17.72
N ALA B 191 -2.58 5.10 -18.02
CA ALA B 191 -1.15 5.41 -18.04
C ALA B 191 -0.54 5.25 -16.65
N ILE B 192 -1.27 5.66 -15.61
CA ILE B 192 -0.77 5.51 -14.25
C ILE B 192 -0.58 4.03 -13.94
N TRP B 193 -1.57 3.20 -14.31
CA TRP B 193 -1.44 1.77 -14.06
C TRP B 193 -0.25 1.18 -14.80
N LEU B 194 -0.08 1.57 -16.06
CA LEU B 194 1.05 1.06 -16.84
C LEU B 194 2.38 1.51 -16.25
N ALA B 195 2.46 2.75 -15.79
CA ALA B 195 3.69 3.23 -15.15
C ALA B 195 3.97 2.46 -13.87
N SER B 196 2.94 2.18 -13.08
CA SER B 196 3.13 1.38 -11.87
C SER B 196 3.64 -0.01 -12.21
N ALA B 197 3.10 -0.62 -13.26
CA ALA B 197 3.59 -1.92 -13.69
C ALA B 197 5.03 -1.84 -14.15
N LEU B 198 5.39 -0.76 -14.85
CA LEU B 198 6.75 -0.64 -15.38
C LEU B 198 7.76 -0.41 -14.26
N LEU B 199 7.37 0.30 -13.20
CA LEU B 199 8.31 0.57 -12.12
C LEU B 199 8.56 -0.67 -11.28
N ALA B 200 7.70 -1.68 -11.36
CA ALA B 200 7.86 -2.90 -10.58
C ALA B 200 8.64 -3.98 -11.31
N VAL B 201 9.09 -3.72 -12.52
CA VAL B 201 9.84 -4.70 -13.32
C VAL B 201 11.10 -5.16 -12.58
N PRO B 202 11.86 -4.25 -11.96
CA PRO B 202 13.14 -4.66 -11.37
C PRO B 202 13.01 -5.79 -10.35
N MET B 203 11.89 -5.87 -9.64
CA MET B 203 11.73 -6.92 -8.65
C MET B 203 11.74 -8.31 -9.27
N LEU B 204 11.50 -8.40 -10.59
CA LEU B 204 11.41 -9.71 -11.23
C LEU B 204 12.74 -10.45 -11.18
N PHE B 205 13.84 -9.78 -11.54
CA PHE B 205 15.13 -10.46 -11.54
C PHE B 205 15.83 -10.40 -10.19
N THR B 206 15.22 -9.73 -9.19
CA THR B 206 15.85 -9.62 -7.88
C THR B 206 15.35 -10.70 -6.92
N MET B 207 14.04 -10.76 -6.69
CA MET B 207 13.48 -11.58 -5.63
C MET B 207 13.29 -13.02 -6.10
N GLY B 208 14.43 -13.71 -6.28
CA GLY B 208 14.42 -15.09 -6.69
C GLY B 208 14.43 -16.05 -5.51
N GLU B 209 14.56 -17.33 -5.85
CA GLU B 209 14.67 -18.37 -4.83
C GLU B 209 16.14 -18.75 -4.64
N GLN B 210 16.45 -19.27 -3.46
CA GLN B 210 17.82 -19.63 -3.11
C GLN B 210 17.81 -20.77 -2.11
N ASN B 211 18.76 -21.70 -2.29
CA ASN B 211 18.96 -22.81 -1.34
C ASN B 211 19.85 -22.30 -0.22
N ARG B 212 19.25 -21.58 0.72
CA ARG B 212 19.99 -20.92 1.78
C ARG B 212 20.47 -21.88 2.86
N SER B 213 20.02 -23.13 2.84
CA SER B 213 20.45 -24.09 3.84
C SER B 213 21.95 -24.31 3.76
N ALA B 214 22.57 -24.51 4.93
CA ALA B 214 24.02 -24.68 4.98
C ALA B 214 24.46 -25.89 4.15
N ASP B 215 23.77 -27.02 4.29
CA ASP B 215 24.12 -28.19 3.49
C ASP B 215 23.89 -27.93 2.00
N GLY B 216 23.00 -27.01 1.66
CA GLY B 216 22.69 -26.71 0.29
C GLY B 216 21.64 -27.59 -0.34
N GLN B 217 21.17 -28.63 0.37
CA GLN B 217 20.14 -29.52 -0.16
C GLN B 217 19.14 -29.94 0.90
N HIS B 218 18.88 -29.09 1.90
CA HIS B 218 17.97 -29.44 2.97
C HIS B 218 16.53 -29.49 2.47
N ALA B 219 15.65 -30.03 3.31
CA ALA B 219 14.25 -30.18 2.95
C ALA B 219 13.54 -28.84 2.77
N GLY B 220 14.14 -27.74 3.22
CA GLY B 220 13.53 -26.43 3.09
C GLY B 220 14.54 -25.38 2.67
N GLY B 221 15.56 -25.79 1.91
CA GLY B 221 16.58 -24.85 1.50
C GLY B 221 16.03 -23.67 0.72
N LEU B 222 15.07 -23.91 -0.16
CA LEU B 222 14.53 -22.84 -1.01
C LEU B 222 13.84 -21.79 -0.14
N VAL B 223 14.18 -20.52 -0.39
CA VAL B 223 13.57 -19.39 0.31
C VAL B 223 13.52 -18.23 -0.66
N CYS B 224 12.47 -17.41 -0.56
CA CYS B 224 12.27 -16.28 -1.44
C CYS B 224 13.02 -15.07 -0.86
N THR B 225 14.22 -14.83 -1.37
CA THR B 225 15.09 -13.78 -0.85
C THR B 225 15.81 -13.12 -2.02
N PRO B 226 16.25 -11.87 -1.86
CA PRO B 226 16.98 -11.22 -2.96
C PRO B 226 18.24 -11.98 -3.31
N THR B 227 18.55 -12.01 -4.61
CA THR B 227 19.71 -12.73 -5.12
C THR B 227 20.86 -11.81 -5.51
N ILE B 228 20.56 -10.55 -5.85
CA ILE B 228 21.61 -9.64 -6.31
C ILE B 228 22.50 -9.26 -5.14
N HIS B 229 23.69 -8.75 -5.47
CA HIS B 229 24.62 -8.27 -4.47
C HIS B 229 23.97 -7.12 -3.70
N THR B 230 24.28 -7.03 -2.40
CA THR B 230 23.51 -6.19 -1.50
C THR B 230 23.46 -4.73 -1.95
N ALA B 231 24.48 -4.27 -2.67
CA ALA B 231 24.52 -2.86 -3.07
C ALA B 231 23.37 -2.51 -4.00
N THR B 232 23.12 -3.34 -5.01
CA THR B 232 22.06 -3.05 -5.96
C THR B 232 20.67 -3.25 -5.34
N VAL B 233 20.51 -4.25 -4.48
CA VAL B 233 19.26 -4.39 -3.75
C VAL B 233 19.00 -3.15 -2.91
N LYS B 234 20.04 -2.67 -2.23
CA LYS B 234 19.92 -1.48 -1.41
C LYS B 234 19.50 -0.27 -2.24
N VAL B 235 20.16 -0.07 -3.38
CA VAL B 235 19.87 1.12 -4.18
C VAL B 235 18.47 1.03 -4.78
N VAL B 236 18.07 -0.16 -5.24
CA VAL B 236 16.74 -0.28 -5.84
C VAL B 236 15.66 -0.07 -4.79
N ILE B 237 15.86 -0.57 -3.57
CA ILE B 237 14.85 -0.35 -2.55
C ILE B 237 14.85 1.10 -2.06
N GLN B 238 16.00 1.77 -2.08
CA GLN B 238 16.00 3.22 -1.81
C GLN B 238 15.21 3.96 -2.88
N VAL B 239 15.37 3.59 -4.14
CA VAL B 239 14.59 4.21 -5.20
C VAL B 239 13.10 3.92 -5.00
N ASN B 240 12.78 2.69 -4.56
CA ASN B 240 11.39 2.33 -4.30
C ASN B 240 10.81 3.21 -3.20
N THR B 241 11.56 3.42 -2.12
CA THR B 241 11.09 4.28 -1.05
C THR B 241 10.89 5.70 -1.56
N PHE B 242 11.84 6.20 -2.34
CA PHE B 242 11.75 7.58 -2.83
C PHE B 242 10.55 7.77 -3.74
N MET B 243 10.30 6.81 -4.63
CA MET B 243 9.30 7.01 -5.68
C MET B 243 7.90 6.58 -5.24
N SER B 244 7.80 5.69 -4.26
CA SER B 244 6.50 5.15 -3.85
C SER B 244 5.94 5.87 -2.63
N PHE B 245 6.80 6.45 -1.79
CA PHE B 245 6.36 7.10 -0.56
C PHE B 245 6.63 8.59 -0.57
N ILE B 246 7.89 8.99 -0.77
CA ILE B 246 8.27 10.39 -0.54
C ILE B 246 7.55 11.30 -1.52
N PHE B 247 7.61 10.99 -2.81
CA PHE B 247 6.97 11.85 -3.80
C PHE B 247 5.45 11.88 -3.64
N PRO B 248 4.76 10.75 -3.61
CA PRO B 248 3.31 10.79 -3.32
C PRO B 248 3.02 11.44 -1.98
N MET B 249 3.85 11.22 -0.96
CA MET B 249 3.60 11.83 0.34
C MET B 249 3.61 13.34 0.24
N VAL B 250 4.63 13.91 -0.39
CA VAL B 250 4.71 15.37 -0.48
C VAL B 250 3.56 15.91 -1.32
N VAL B 251 3.27 15.27 -2.46
CA VAL B 251 2.19 15.74 -3.31
C VAL B 251 0.88 15.75 -2.53
N ILE B 252 0.55 14.63 -1.90
CA ILE B 252 -0.71 14.50 -1.18
C ILE B 252 -0.77 15.52 -0.06
N SER B 253 0.31 15.64 0.72
CA SER B 253 0.29 16.54 1.87
C SER B 253 0.05 17.97 1.42
N VAL B 254 0.84 18.46 0.46
CA VAL B 254 0.72 19.87 0.08
C VAL B 254 -0.65 20.13 -0.55
N LEU B 255 -1.08 19.27 -1.47
CA LEU B 255 -2.35 19.54 -2.15
C LEU B 255 -3.52 19.47 -1.18
N ASN B 256 -3.54 18.46 -0.30
CA ASN B 256 -4.62 18.36 0.67
C ASN B 256 -4.61 19.54 1.63
N THR B 257 -3.43 19.99 2.05
CA THR B 257 -3.37 21.14 2.94
C THR B 257 -3.90 22.40 2.28
N ILE B 258 -3.53 22.65 1.02
CA ILE B 258 -4.02 23.87 0.36
C ILE B 258 -5.52 23.77 0.10
N ILE B 259 -6.03 22.59 -0.25
CA ILE B 259 -7.47 22.43 -0.41
C ILE B 259 -8.19 22.66 0.91
N ALA B 260 -7.62 22.14 2.00
CA ALA B 260 -8.21 22.34 3.31
C ALA B 260 -8.22 23.81 3.69
N ASN B 261 -7.15 24.53 3.34
CA ASN B 261 -7.13 25.98 3.57
C ASN B 261 -8.20 26.69 2.75
N LYS B 262 -8.40 26.26 1.50
CA LYS B 262 -9.46 26.85 0.69
C LYS B 262 -10.83 26.61 1.32
N LEU B 263 -11.08 25.40 1.81
CA LEU B 263 -12.35 25.12 2.48
C LEU B 263 -12.47 25.91 3.78
N THR B 264 -11.37 26.10 4.49
CA THR B 264 -11.41 26.88 5.73
C THR B 264 -11.73 28.35 5.45
N VAL B 265 -11.16 28.92 4.39
CA VAL B 265 -11.54 30.28 4.03
C VAL B 265 -12.99 30.33 3.58
N MET B 266 -13.47 29.27 2.90
CA MET B 266 -14.90 29.18 2.62
C MET B 266 -15.71 29.28 3.91
N VAL B 267 -15.33 28.50 4.91
CA VAL B 267 -16.08 28.49 6.17
C VAL B 267 -16.03 29.87 6.83
N ARG B 268 -14.85 30.48 6.84
CA ARG B 268 -14.71 31.79 7.46
C ARG B 268 -15.55 32.85 6.76
N GLN B 269 -15.58 32.84 5.42
CA GLN B 269 -16.35 33.83 4.69
C GLN B 269 -17.85 33.60 4.84
N ALA B 270 -18.28 32.33 4.78
CA ALA B 270 -19.70 32.04 4.88
C ALA B 270 -20.27 32.45 6.23
N ALA B 271 -19.53 32.21 7.30
CA ALA B 271 -19.98 32.54 8.65
C ALA B 271 -20.32 34.02 8.76
N GLU B 291 -25.31 28.67 8.33
CA GLU B 291 -25.85 27.53 7.61
C GLU B 291 -25.90 26.30 8.51
N PRO B 292 -26.99 25.51 8.46
CA PRO B 292 -27.08 24.34 9.34
C PRO B 292 -26.01 23.30 9.06
N GLY B 293 -25.92 22.85 7.81
CA GLY B 293 -25.03 21.76 7.46
C GLY B 293 -23.86 22.15 6.58
N ARG B 294 -23.92 23.36 5.98
CA ARG B 294 -22.83 23.79 5.13
C ARG B 294 -21.52 23.89 5.91
N VAL B 295 -21.54 24.57 7.05
CA VAL B 295 -20.34 24.67 7.87
C VAL B 295 -19.92 23.29 8.36
N GLN B 296 -20.88 22.49 8.81
CA GLN B 296 -20.58 21.13 9.25
C GLN B 296 -19.97 20.32 8.11
N ALA B 297 -20.56 20.43 6.91
CA ALA B 297 -20.04 19.69 5.77
C ALA B 297 -18.61 20.09 5.44
N LEU B 298 -18.33 21.39 5.42
CA LEU B 298 -16.98 21.84 5.11
C LEU B 298 -15.99 21.40 6.20
N ARG B 299 -16.39 21.48 7.46
CA ARG B 299 -15.51 21.07 8.55
C ARG B 299 -15.18 19.59 8.45
N HIS B 300 -16.20 18.76 8.21
CA HIS B 300 -15.93 17.33 8.05
C HIS B 300 -15.11 17.05 6.80
N GLY B 301 -15.32 17.83 5.74
CA GLY B 301 -14.53 17.68 4.53
C GLY B 301 -13.05 17.91 4.79
N VAL B 302 -12.73 19.01 5.49
CA VAL B 302 -11.32 19.27 5.79
C VAL B 302 -10.77 18.24 6.75
N ARG B 303 -11.57 17.82 7.73
CA ARG B 303 -11.13 16.78 8.65
C ARG B 303 -10.72 15.53 7.88
N VAL B 304 -11.59 15.06 6.99
CA VAL B 304 -11.28 13.85 6.23
C VAL B 304 -10.12 14.08 5.28
N LEU B 305 -10.03 15.30 4.72
CA LEU B 305 -8.98 15.58 3.75
C LEU B 305 -7.60 15.55 4.37
N ARG B 306 -7.49 15.93 5.65
CA ARG B 306 -6.20 15.81 6.33
C ARG B 306 -6.03 14.44 6.97
N ALA B 307 -7.13 13.78 7.36
CA ALA B 307 -7.03 12.42 7.84
C ALA B 307 -6.53 11.48 6.75
N VAL B 308 -6.78 11.84 5.48
CA VAL B 308 -6.22 11.05 4.38
C VAL B 308 -4.70 11.05 4.45
N VAL B 309 -4.10 12.24 4.62
CA VAL B 309 -2.65 12.33 4.73
C VAL B 309 -2.16 11.59 5.97
N ILE B 310 -2.86 11.77 7.09
CA ILE B 310 -2.45 11.11 8.33
C ILE B 310 -2.44 9.60 8.14
N ALA B 311 -3.53 9.06 7.56
CA ALA B 311 -3.63 7.61 7.37
C ALA B 311 -2.57 7.12 6.40
N PHE B 312 -2.34 7.85 5.30
CA PHE B 312 -1.32 7.43 4.35
C PHE B 312 0.03 7.33 5.02
N VAL B 313 0.43 8.38 5.74
CA VAL B 313 1.73 8.36 6.40
C VAL B 313 1.80 7.23 7.40
N VAL B 314 0.80 7.11 8.27
CA VAL B 314 0.84 6.09 9.32
C VAL B 314 0.95 4.70 8.71
N CYS B 315 0.18 4.42 7.66
CA CYS B 315 0.13 3.08 7.12
C CYS B 315 1.37 2.75 6.31
N TRP B 316 1.95 3.73 5.60
CA TRP B 316 3.00 3.43 4.64
C TRP B 316 4.40 3.65 5.17
N LEU B 317 4.59 4.50 6.19
CA LEU B 317 5.94 4.71 6.70
C LEU B 317 6.54 3.45 7.32
N PRO B 318 5.83 2.72 8.19
CA PRO B 318 6.46 1.54 8.81
C PRO B 318 6.93 0.51 7.79
N TYR B 319 6.18 0.31 6.72
CA TYR B 319 6.55 -0.69 5.71
C TYR B 319 7.86 -0.32 5.04
N HIS B 320 7.97 0.93 4.57
CA HIS B 320 9.18 1.34 3.87
C HIS B 320 10.37 1.42 4.81
N VAL B 321 10.16 1.87 6.06
CA VAL B 321 11.28 1.88 6.99
C VAL B 321 11.72 0.47 7.35
N ARG B 322 10.80 -0.50 7.39
CA ARG B 322 11.21 -1.88 7.60
C ARG B 322 12.06 -2.38 6.42
N ARG B 323 11.64 -2.06 5.20
CA ARG B 323 12.45 -2.46 4.05
C ARG B 323 13.83 -1.82 4.11
N LEU B 324 13.89 -0.53 4.45
CA LEU B 324 15.17 0.16 4.53
C LEU B 324 16.05 -0.41 5.64
N MET B 325 15.45 -0.76 6.77
CA MET B 325 16.21 -1.40 7.84
C MET B 325 16.73 -2.77 7.40
N PHE B 326 15.93 -3.51 6.63
CA PHE B 326 16.39 -4.78 6.08
C PHE B 326 17.60 -4.57 5.18
N CYS B 327 17.59 -3.51 4.37
CA CYS B 327 18.63 -3.34 3.37
C CYS B 327 19.91 -2.72 3.96
N TYR B 328 19.76 -1.74 4.85
CA TYR B 328 20.88 -0.85 5.18
C TYR B 328 21.76 -1.42 6.29
N ILE B 329 21.18 -2.12 7.26
CA ILE B 329 21.95 -2.53 8.44
C ILE B 329 23.07 -3.47 8.02
N SER B 330 24.19 -3.38 8.74
CA SER B 330 25.36 -4.20 8.48
C SER B 330 25.24 -5.54 9.20
N ASP B 331 26.11 -6.47 8.82
CA ASP B 331 26.09 -7.79 9.43
C ASP B 331 26.41 -7.73 10.92
N GLU B 332 27.40 -6.91 11.30
CA GLU B 332 27.84 -6.88 12.69
C GLU B 332 26.78 -6.34 13.63
N GLN B 333 25.87 -5.51 13.13
CA GLN B 333 24.79 -4.98 13.96
C GLN B 333 23.69 -5.99 14.22
N TRP B 334 23.56 -7.00 13.37
CA TRP B 334 22.51 -7.99 13.56
C TRP B 334 22.76 -8.82 14.81
N THR B 335 21.70 -9.05 15.58
CA THR B 335 21.75 -9.85 16.78
C THR B 335 20.43 -10.59 16.91
N PRO B 336 20.40 -11.72 17.62
CA PRO B 336 19.16 -12.51 17.69
C PRO B 336 17.95 -11.69 18.14
N PHE B 337 18.14 -10.78 19.10
CA PHE B 337 17.05 -9.89 19.47
C PHE B 337 16.61 -9.04 18.30
N LEU B 338 17.56 -8.50 17.53
CA LEU B 338 17.21 -7.73 16.34
C LEU B 338 16.50 -8.59 15.30
N TYR B 339 16.95 -9.83 15.12
CA TYR B 339 16.31 -10.73 14.18
C TYR B 339 14.84 -10.96 14.54
N ASP B 340 14.58 -11.33 15.80
CA ASP B 340 13.22 -11.60 16.22
C ASP B 340 12.37 -10.33 16.20
N PHE B 341 12.94 -9.20 16.61
CA PHE B 341 12.19 -7.95 16.54
C PHE B 341 11.84 -7.60 15.11
N TYR B 342 12.75 -7.87 14.17
CA TYR B 342 12.45 -7.62 12.77
C TYR B 342 11.31 -8.51 12.29
N HIS B 343 11.31 -9.77 12.71
CA HIS B 343 10.23 -10.65 12.26
C HIS B 343 8.91 -10.36 12.97
N TYR B 344 8.92 -9.61 14.08
CA TYR B 344 7.67 -9.08 14.62
C TYR B 344 7.25 -7.81 13.88
N PHE B 345 8.20 -6.93 13.63
CA PHE B 345 7.94 -5.70 12.91
C PHE B 345 7.42 -5.99 11.51
N TYR B 346 7.80 -7.14 10.95
CA TYR B 346 7.21 -7.56 9.68
C TYR B 346 5.69 -7.64 9.78
N MET B 347 5.21 -8.37 10.79
CA MET B 347 3.77 -8.51 10.97
C MET B 347 3.11 -7.16 11.23
N VAL B 348 3.72 -6.34 12.09
CA VAL B 348 3.14 -5.04 12.41
C VAL B 348 3.02 -4.18 11.15
N THR B 349 4.12 -4.09 10.39
CA THR B 349 4.14 -3.25 9.21
C THR B 349 3.18 -3.75 8.14
N ASN B 350 3.09 -5.07 7.96
CA ASN B 350 2.18 -5.59 6.96
C ASN B 350 0.72 -5.39 7.36
N ALA B 351 0.40 -5.52 8.64
CA ALA B 351 -0.96 -5.20 9.08
C ALA B 351 -1.30 -3.75 8.80
N LEU B 352 -0.38 -2.83 9.13
CA LEU B 352 -0.63 -1.42 8.85
C LEU B 352 -0.73 -1.18 7.34
N PHE B 353 0.06 -1.90 6.56
CA PHE B 353 0.03 -1.75 5.11
C PHE B 353 -1.31 -2.19 4.54
N TYR B 354 -1.89 -3.26 5.08
CA TYR B 354 -3.19 -3.72 4.60
C TYR B 354 -4.33 -2.84 5.11
N VAL B 355 -4.16 -2.19 6.25
CA VAL B 355 -5.22 -1.33 6.76
C VAL B 355 -5.62 -0.26 5.75
N SER B 356 -4.68 0.15 4.89
CA SER B 356 -4.99 1.17 3.90
C SER B 356 -6.04 0.71 2.91
N SER B 357 -5.96 -0.54 2.46
CA SER B 357 -6.92 -1.06 1.49
C SER B 357 -8.34 -1.10 2.04
N THR B 358 -8.50 -1.21 3.35
CA THR B 358 -9.82 -1.26 3.97
C THR B 358 -10.34 0.11 4.40
N ILE B 359 -9.43 1.06 4.71
CA ILE B 359 -9.89 2.35 5.19
C ILE B 359 -10.68 3.10 4.13
N ASN B 360 -10.30 2.96 2.85
CA ASN B 360 -10.81 3.87 1.83
C ASN B 360 -12.34 3.91 1.75
N PRO B 361 -13.05 2.79 1.61
CA PRO B 361 -14.51 2.87 1.50
C PRO B 361 -15.17 3.48 2.73
N ILE B 362 -14.59 3.29 3.91
CA ILE B 362 -15.14 3.89 5.12
C ILE B 362 -15.17 5.41 4.99
N LEU B 363 -14.05 5.99 4.55
CA LEU B 363 -14.01 7.44 4.36
C LEU B 363 -14.91 7.86 3.20
N TYR B 364 -14.97 7.06 2.14
CA TYR B 364 -15.86 7.37 1.03
C TYR B 364 -17.29 7.53 1.50
N ASN B 365 -17.75 6.62 2.38
CA ASN B 365 -19.10 6.74 2.93
C ASN B 365 -19.20 7.89 3.92
N LEU B 366 -18.18 8.08 4.75
CA LEU B 366 -18.22 9.13 5.75
C LEU B 366 -18.28 10.52 5.13
N VAL B 367 -17.79 10.68 3.90
CA VAL B 367 -17.72 12.01 3.30
C VAL B 367 -18.95 12.37 2.50
N SER B 368 -19.61 11.42 1.84
CA SER B 368 -20.74 11.71 0.96
C SER B 368 -21.93 10.88 1.40
N ALA B 369 -23.08 11.54 1.60
CA ALA B 369 -24.29 10.83 1.99
C ALA B 369 -24.93 10.12 0.81
N ASN B 370 -24.92 10.74 -0.37
CA ASN B 370 -25.46 10.09 -1.56
C ASN B 370 -24.66 8.83 -1.90
N PHE B 371 -23.33 8.94 -1.83
CA PHE B 371 -22.50 7.76 -2.04
C PHE B 371 -22.78 6.70 -0.98
N ARG B 372 -23.01 7.11 0.26
CA ARG B 372 -23.36 6.15 1.30
C ARG B 372 -24.66 5.43 0.97
N HIS B 373 -25.66 6.16 0.50
CA HIS B 373 -26.94 5.55 0.16
C HIS B 373 -26.78 4.55 -0.97
N ILE B 374 -26.08 4.94 -2.04
CA ILE B 374 -25.91 4.04 -3.17
C ILE B 374 -25.08 2.83 -2.76
N PHE B 375 -24.05 3.04 -1.92
CA PHE B 375 -23.22 1.96 -1.43
C PHE B 375 -24.06 0.94 -0.65
N LEU B 376 -24.91 1.43 0.25
CA LEU B 376 -25.75 0.53 1.03
C LEU B 376 -26.75 -0.19 0.14
N ALA B 377 -27.34 0.51 -0.82
CA ALA B 377 -28.32 -0.12 -1.69
C ALA B 377 -27.68 -1.23 -2.53
N THR B 378 -26.49 -0.98 -3.07
CA THR B 378 -25.81 -1.96 -3.90
C THR B 378 -25.49 -3.21 -3.10
C1 SRW C . -7.87 14.13 -1.35
O1 SRW C . -8.83 13.14 -1.66
C2 SRW C . -8.40 11.83 -1.33
C3 SRW C . -9.30 10.83 -0.88
C4 SRW C . -8.83 9.53 -0.59
C5 SRW C . -7.50 9.22 -0.72
C6 SRW C . -6.62 10.21 -1.16
C7 SRW C . -7.05 11.48 -1.47
C8 SRW C . -10.81 11.09 -0.72
C9 SRW C . -11.16 12.31 0.15
C10 SRW C . -12.71 12.40 0.23
N1 SRW C . -13.39 12.34 -1.08
C11 SRW C . -12.92 11.31 -2.04
C12 SRW C . -11.39 11.32 -2.12
C13 SRW C . -14.04 13.58 -1.59
N2 SRW C . -13.54 14.65 -1.32
C14 SRW C . -13.95 15.86 -1.66
N3 SRW C . -15.14 16.07 -2.47
C15 SRW C . -15.72 14.77 -2.80
C16 SRW C . -15.10 13.62 -2.31
C17 SRW C . -15.80 12.43 -2.70
C18 SRW C . -16.96 12.41 -3.49
C19 SRW C . -17.47 13.62 -3.91
C20 SRW C . -16.88 14.80 -3.57
N4 SRW C . -17.60 11.14 -3.85
C21 SRW C . -17.73 10.07 -2.84
C22 SRW C . -18.11 10.93 -5.22
C23 SRW C . -19.45 10.15 -5.17
O2 SRW C . -20.02 10.12 -6.46
C24 SRW C . -13.14 17.09 -1.19
F1 SRW C . -11.86 17.00 -1.66
C25 SRW C . -13.61 18.58 -1.27
C26 SRW C . -13.16 18.03 0.05
#